data_6VAP
#
_entry.id   6VAP
#
_cell.length_a   72.450
_cell.length_b   92.360
_cell.length_c   150.140
_cell.angle_alpha   90.000
_cell.angle_beta   90.000
_cell.angle_gamma   90.000
#
_symmetry.space_group_name_H-M   'C 2 2 21'
#
loop_
_entity.id
_entity.type
_entity.pdbx_description
1 polymer Thioesterase
2 water water
#
_entity_poly.entity_id   1
_entity_poly.type   'polypeptide(L)'
_entity_poly.pdbx_seq_one_letter_code
;GHMTGTNTHSDVWIRQYRPAHPTAPQLICLPHAGGSATFYHPVAAALAPRCDVLAVQYPGRQDRRAEKPLEDIDELANQL
FPVLRARVHQPVALFGHSMGATLAFELARRFESAGISLEALLVSARPAPSRQRTGGTVHLLSDEELVAELRTLDGTAEQV
FHDEELVRMALPAIRGDYRAAETYRYRPGPKLRCPIHALTGDDDPMVTPVEARAWSEHTDGPFTLDTFAGGHFYLLEHRD
AILGIIAEHLRTCSRAPGDRSGLTRE
;
_entity_poly.pdbx_strand_id   A,B
#
# COMPACT_ATOMS: atom_id res chain seq x y z
N THR A 8 -3.96 17.19 6.09
CA THR A 8 -2.54 16.85 6.00
C THR A 8 -1.78 17.80 5.09
N HIS A 9 -0.45 17.83 5.22
CA HIS A 9 0.40 18.64 4.36
C HIS A 9 1.62 17.81 3.96
N SER A 10 1.82 17.64 2.65
CA SER A 10 2.94 16.87 2.14
C SER A 10 3.66 17.67 1.05
N ASP A 11 4.94 17.38 0.89
CA ASP A 11 5.74 17.94 -0.18
C ASP A 11 6.34 16.79 -0.99
N VAL A 12 7.23 17.13 -1.93
CA VAL A 12 7.79 16.13 -2.82
C VAL A 12 8.58 15.10 -2.03
N TRP A 13 9.22 15.52 -0.94
CA TRP A 13 10.05 14.61 -0.17
C TRP A 13 9.30 13.90 0.96
N ILE A 14 8.41 14.61 1.63
CA ILE A 14 7.87 14.18 2.92
C ILE A 14 6.38 13.97 2.76
N ARG A 15 5.93 12.73 2.96
CA ARG A 15 4.54 12.36 2.79
C ARG A 15 3.91 12.16 4.17
N GLN A 16 2.88 12.92 4.46
CA GLN A 16 2.12 12.84 5.71
C GLN A 16 0.78 12.21 5.36
N TYR A 17 0.61 10.94 5.70
CA TYR A 17 -0.55 10.19 5.25
C TYR A 17 -1.76 10.42 6.15
N ARG A 18 -1.58 10.72 7.42
CA ARG A 18 -2.68 10.90 8.35
C ARG A 18 -2.52 12.20 9.13
N PRO A 19 -3.62 12.77 9.60
CA PRO A 19 -3.50 13.96 10.46
C PRO A 19 -2.96 13.58 11.82
N ALA A 20 -2.28 14.53 12.45
CA ALA A 20 -1.66 14.32 13.75
C ALA A 20 -2.02 15.47 14.68
N HIS A 21 -2.17 15.14 15.97
CA HIS A 21 -2.38 16.16 16.97
C HIS A 21 -1.23 17.19 16.90
N PRO A 22 -1.49 18.44 17.27
CA PRO A 22 -0.38 19.39 17.39
C PRO A 22 0.63 18.99 18.45
N THR A 23 0.20 18.31 19.51
CA THR A 23 1.11 17.83 20.54
C THR A 23 1.89 16.59 20.12
N ALA A 24 1.60 16.03 18.95
CA ALA A 24 2.08 14.69 18.63
C ALA A 24 3.60 14.72 18.44
N PRO A 25 4.31 13.74 18.96
CA PRO A 25 5.72 13.59 18.55
C PRO A 25 5.78 13.21 17.10
N GLN A 26 6.93 13.51 16.47
CA GLN A 26 7.16 13.26 15.05
C GLN A 26 7.99 12.00 14.84
N LEU A 27 7.62 11.22 13.84
CA LEU A 27 8.38 10.04 13.46
C LEU A 27 8.70 10.15 11.97
N ILE A 28 9.98 10.25 11.66
CA ILE A 28 10.44 10.35 10.28
C ILE A 28 10.88 8.97 9.86
N CYS A 29 10.30 8.43 8.79
CA CYS A 29 10.48 7.05 8.36
C CYS A 29 11.20 7.01 7.02
N LEU A 30 12.29 6.26 6.96
CA LEU A 30 13.16 6.17 5.81
C LEU A 30 13.00 4.79 5.20
N PRO A 31 12.51 4.69 3.98
CA PRO A 31 12.35 3.37 3.37
C PRO A 31 13.68 2.73 3.02
N HIS A 32 13.62 1.40 2.85
CA HIS A 32 14.74 0.61 2.36
C HIS A 32 15.02 0.86 0.88
N ALA A 33 16.09 0.24 0.37
CA ALA A 33 16.38 0.30 -1.06
C ALA A 33 15.24 -0.30 -1.88
N GLY A 34 14.85 0.39 -2.93
CA GLY A 34 13.69 -0.01 -3.69
C GLY A 34 12.37 0.29 -3.04
N GLY A 35 12.37 0.90 -1.85
CA GLY A 35 11.13 1.20 -1.17
C GLY A 35 10.64 2.60 -1.44
N SER A 36 9.36 2.81 -1.20
CA SER A 36 8.71 4.11 -1.37
C SER A 36 8.10 4.53 -0.06
N ALA A 37 7.69 5.81 -0.01
CA ALA A 37 7.04 6.34 1.19
C ALA A 37 5.78 5.57 1.55
N THR A 38 5.07 5.05 0.53
CA THR A 38 3.83 4.32 0.80
C THR A 38 4.08 3.09 1.68
N PHE A 39 5.32 2.59 1.71
CA PHE A 39 5.64 1.45 2.57
C PHE A 39 5.26 1.72 4.02
N TYR A 40 5.33 2.97 4.46
CA TYR A 40 5.05 3.31 5.86
C TYR A 40 3.62 3.72 6.13
N HIS A 41 2.71 3.51 5.19
CA HIS A 41 1.31 3.82 5.46
C HIS A 41 0.75 3.05 6.67
N PRO A 42 1.05 1.79 6.87
CA PRO A 42 0.61 1.12 8.11
C PRO A 42 1.09 1.79 9.39
N VAL A 43 2.31 2.32 9.40
CA VAL A 43 2.79 3.03 10.60
C VAL A 43 1.95 4.29 10.82
N ALA A 44 1.78 5.08 9.78
CA ALA A 44 0.95 6.28 9.89
C ALA A 44 -0.41 5.92 10.44
N ALA A 45 -1.05 4.89 9.85
CA ALA A 45 -2.42 4.53 10.23
C ALA A 45 -2.48 4.06 11.68
N ALA A 46 -1.44 3.39 12.17
CA ALA A 46 -1.47 2.80 13.50
C ALA A 46 -1.05 3.77 14.60
N LEU A 47 -0.25 4.79 14.29
CA LEU A 47 0.25 5.70 15.31
C LEU A 47 -0.45 7.06 15.30
N ALA A 48 -0.98 7.49 14.16
CA ALA A 48 -1.68 8.77 14.12
C ALA A 48 -3.05 8.60 14.77
N PRO A 49 -3.64 9.69 15.31
CA PRO A 49 -3.11 11.06 15.33
C PRO A 49 -2.17 11.32 16.49
N ARG A 50 -1.91 10.30 17.30
CA ARG A 50 -1.06 10.48 18.47
C ARG A 50 0.39 10.67 18.08
N CYS A 51 0.74 10.34 16.85
CA CYS A 51 2.10 10.54 16.36
C CYS A 51 2.03 11.08 14.94
N ASP A 52 2.88 12.08 14.63
CA ASP A 52 2.96 12.65 13.30
C ASP A 52 3.96 11.83 12.50
N VAL A 53 3.46 10.89 11.71
CA VAL A 53 4.31 9.99 10.93
C VAL A 53 4.64 10.64 9.60
N LEU A 54 5.91 10.81 9.31
CA LEU A 54 6.37 11.43 8.09
C LEU A 54 7.17 10.39 7.32
N ALA A 55 6.75 10.11 6.09
CA ALA A 55 7.38 9.07 5.29
C ALA A 55 8.10 9.73 4.12
N VAL A 56 9.33 9.34 3.91
CA VAL A 56 10.17 10.00 2.91
C VAL A 56 10.05 9.28 1.57
N GLN A 57 9.85 10.05 0.53
CA GLN A 57 9.83 9.57 -0.84
C GLN A 57 11.13 9.99 -1.52
N TYR A 58 11.99 9.03 -1.83
CA TYR A 58 13.22 9.36 -2.53
C TYR A 58 12.94 9.64 -4.02
N PRO A 59 13.77 10.44 -4.67
CA PRO A 59 13.62 10.65 -6.11
C PRO A 59 13.69 9.33 -6.87
N GLY A 60 12.95 9.29 -7.98
CA GLY A 60 13.06 8.22 -8.92
C GLY A 60 11.99 7.16 -8.85
N ARG A 61 11.02 7.29 -7.95
CA ARG A 61 9.99 6.28 -7.78
C ARG A 61 8.62 6.93 -7.75
N GLN A 62 7.63 6.18 -8.27
CA GLN A 62 6.23 6.61 -8.25
C GLN A 62 6.10 8.01 -8.85
N ASP A 63 5.58 8.97 -8.08
CA ASP A 63 5.35 10.30 -8.62
C ASP A 63 6.65 11.03 -8.90
N ARG A 64 7.77 10.57 -8.33
CA ARG A 64 9.10 11.14 -8.60
C ARG A 64 9.89 10.35 -9.65
N ARG A 65 9.24 9.50 -10.44
CA ARG A 65 9.96 8.64 -11.36
C ARG A 65 10.76 9.45 -12.37
N ALA A 66 10.25 10.61 -12.76
CA ALA A 66 10.97 11.43 -13.73
C ALA A 66 12.29 11.96 -13.15
N GLU A 67 12.34 12.19 -11.84
CA GLU A 67 13.57 12.69 -11.24
C GLU A 67 14.66 11.62 -11.27
N LYS A 68 15.88 12.05 -11.51
CA LYS A 68 17.00 11.12 -11.51
C LYS A 68 17.20 10.57 -10.11
N PRO A 69 17.31 9.27 -9.93
CA PRO A 69 17.49 8.72 -8.58
C PRO A 69 18.89 9.03 -8.04
N LEU A 70 18.95 9.25 -6.74
CA LEU A 70 20.22 9.53 -6.09
C LEU A 70 20.98 8.22 -5.86
N GLU A 71 22.30 8.32 -5.79
CA GLU A 71 23.18 7.17 -5.74
C GLU A 71 24.07 7.15 -4.51
N ASP A 72 23.84 8.03 -3.54
CA ASP A 72 24.76 8.23 -2.43
C ASP A 72 23.93 8.59 -1.21
N ILE A 73 24.22 7.95 -0.08
CA ILE A 73 23.49 8.24 1.15
C ILE A 73 23.72 9.68 1.60
N ASP A 74 24.97 10.14 1.52
CA ASP A 74 25.26 11.50 1.95
C ASP A 74 24.54 12.54 1.09
N GLU A 75 24.34 12.24 -0.20
CA GLU A 75 23.60 13.14 -1.06
C GLU A 75 22.12 13.09 -0.73
N LEU A 76 21.58 11.88 -0.52
CA LEU A 76 20.22 11.77 -0.02
C LEU A 76 20.02 12.59 1.24
N ALA A 77 20.92 12.41 2.22
CA ALA A 77 20.84 13.16 3.47
C ALA A 77 20.99 14.67 3.27
N ASN A 78 22.01 15.08 2.52
CA ASN A 78 22.25 16.50 2.36
C ASN A 78 21.08 17.18 1.70
N GLN A 79 20.47 16.55 0.71
CA GLN A 79 19.27 17.13 0.08
C GLN A 79 18.06 17.04 1.01
N LEU A 80 17.94 15.96 1.77
CA LEU A 80 16.75 15.75 2.57
C LEU A 80 16.76 16.58 3.84
N PHE A 81 17.93 16.86 4.40
CA PHE A 81 17.98 17.51 5.70
C PHE A 81 17.32 18.86 5.70
N PRO A 82 17.65 19.79 4.79
CA PRO A 82 16.97 21.11 4.80
C PRO A 82 15.47 21.01 4.71
N VAL A 83 14.96 20.02 3.98
CA VAL A 83 13.53 19.85 3.86
C VAL A 83 12.95 19.41 5.20
N LEU A 84 13.54 18.36 5.79
CA LEU A 84 13.08 17.93 7.11
C LEU A 84 13.28 19.01 8.15
N ARG A 85 14.34 19.81 8.03
CA ARG A 85 14.56 20.93 8.94
C ARG A 85 13.36 21.86 9.01
N ALA A 86 12.80 22.23 7.85
CA ALA A 86 11.67 23.16 7.83
C ALA A 86 10.40 22.58 8.44
N ARG A 87 10.30 21.25 8.53
CA ARG A 87 9.14 20.58 9.09
C ARG A 87 9.36 20.09 10.52
N VAL A 88 10.63 19.84 10.87
CA VAL A 88 10.95 19.20 12.14
C VAL A 88 10.27 19.94 13.27
N HIS A 89 9.80 19.22 14.27
CA HIS A 89 9.25 19.77 15.51
C HIS A 89 9.52 18.73 16.59
N GLN A 90 10.39 18.98 17.59
CA GLN A 90 10.65 18.04 18.67
C GLN A 90 9.41 17.91 19.55
N PRO A 91 9.18 16.74 20.15
CA PRO A 91 10.03 15.55 20.09
C PRO A 91 9.94 14.86 18.75
N VAL A 92 11.09 14.46 18.20
CA VAL A 92 11.18 13.82 16.90
C VAL A 92 12.03 12.57 16.99
N ALA A 93 11.59 11.51 16.31
CA ALA A 93 12.33 10.27 16.24
C ALA A 93 12.46 9.85 14.79
N LEU A 94 13.49 9.04 14.50
CA LEU A 94 13.75 8.53 13.16
C LEU A 94 13.67 7.02 13.15
N PHE A 95 13.09 6.47 12.07
CA PHE A 95 13.01 5.03 11.85
C PHE A 95 13.48 4.75 10.44
N GLY A 96 14.46 3.85 10.30
CA GLY A 96 14.91 3.43 8.97
C GLY A 96 15.04 1.92 8.90
N HIS A 97 14.63 1.32 7.78
CA HIS A 97 14.84 -0.09 7.52
C HIS A 97 15.91 -0.26 6.45
N SER A 98 16.86 -1.14 6.70
CA SER A 98 17.91 -1.50 5.76
C SER A 98 18.66 -0.25 5.34
N MET A 99 18.70 0.06 4.05
CA MET A 99 19.39 1.27 3.64
C MET A 99 18.82 2.51 4.36
N GLY A 100 17.51 2.54 4.57
CA GLY A 100 16.92 3.63 5.33
C GLY A 100 17.53 3.81 6.71
N ALA A 101 18.04 2.74 7.30
CA ALA A 101 18.66 2.86 8.63
C ALA A 101 19.95 3.67 8.57
N THR A 102 20.74 3.46 7.53
CA THR A 102 21.95 4.26 7.37
C THR A 102 21.61 5.72 7.09
N LEU A 103 20.63 5.96 6.21
CA LEU A 103 20.15 7.31 5.99
C LEU A 103 19.65 7.93 7.27
N ALA A 104 18.87 7.17 8.06
CA ALA A 104 18.36 7.68 9.33
C ALA A 104 19.48 8.07 10.26
N PHE A 105 20.56 7.28 10.27
CA PHE A 105 21.69 7.58 11.13
C PHE A 105 22.39 8.84 10.67
N GLU A 106 22.55 9.01 9.37
CA GLU A 106 23.20 10.19 8.82
C GLU A 106 22.36 11.43 9.09
N LEU A 107 21.04 11.32 8.97
CA LEU A 107 20.15 12.42 9.31
C LEU A 107 20.23 12.74 10.79
N ALA A 108 20.38 11.71 11.63
CA ALA A 108 20.53 11.96 13.05
C ALA A 108 21.80 12.77 13.35
N ARG A 109 22.89 12.40 12.71
CA ARG A 109 24.13 13.13 12.85
C ARG A 109 23.93 14.60 12.52
N ARG A 110 23.17 14.88 11.45
CA ARG A 110 22.94 16.26 11.04
C ARG A 110 21.99 17.02 11.98
N PHE A 111 20.97 16.34 12.51
CA PHE A 111 20.10 16.98 13.48
C PHE A 111 20.89 17.40 14.71
N GLU A 112 21.72 16.50 15.23
CA GLU A 112 22.48 16.78 16.44
C GLU A 112 23.49 17.88 16.22
N SER A 113 24.20 17.87 15.09
CA SER A 113 25.13 18.96 14.83
C SER A 113 24.41 20.31 14.73
N ALA A 114 23.14 20.29 14.39
CA ALA A 114 22.34 21.51 14.33
C ALA A 114 21.68 21.83 15.67
N GLY A 115 22.01 21.09 16.73
CA GLY A 115 21.46 21.31 18.05
C GLY A 115 20.07 20.77 18.27
N ILE A 116 19.61 19.89 17.40
CA ILE A 116 18.25 19.34 17.45
C ILE A 116 18.35 17.94 18.04
N SER A 117 17.92 17.79 19.29
CA SER A 117 17.93 16.51 19.96
C SER A 117 16.88 15.57 19.36
N LEU A 118 17.18 14.27 19.37
CA LEU A 118 16.29 13.22 18.89
C LEU A 118 15.81 12.33 20.04
N GLU A 119 14.53 11.99 20.04
CA GLU A 119 14.00 11.09 21.07
C GLU A 119 14.57 9.68 20.92
N ALA A 120 14.64 9.20 19.68
CA ALA A 120 15.24 7.90 19.45
C ALA A 120 15.67 7.82 17.99
N LEU A 121 16.68 6.97 17.74
CA LEU A 121 17.03 6.52 16.39
C LEU A 121 16.74 5.02 16.36
N LEU A 122 15.72 4.60 15.59
CA LEU A 122 15.35 3.19 15.43
C LEU A 122 15.89 2.71 14.08
N VAL A 123 16.71 1.67 14.11
CA VAL A 123 17.40 1.17 12.94
C VAL A 123 17.14 -0.32 12.81
N SER A 124 16.67 -0.74 11.65
CA SER A 124 16.19 -2.08 11.42
C SER A 124 17.00 -2.70 10.31
N ALA A 125 17.46 -3.93 10.52
CA ALA A 125 18.05 -4.79 9.52
C ALA A 125 19.19 -4.10 8.80
N ARG A 126 20.17 -3.66 9.54
CA ARG A 126 21.31 -2.98 8.91
C ARG A 126 22.53 -3.02 9.83
N PRO A 127 23.71 -3.37 9.32
CA PRO A 127 24.91 -3.32 10.16
C PRO A 127 25.14 -1.89 10.63
N ALA A 128 25.80 -1.76 11.77
CA ALA A 128 26.29 -0.45 12.22
C ALA A 128 27.05 0.28 11.11
N PRO A 129 27.00 1.60 11.07
CA PRO A 129 27.77 2.31 10.05
C PRO A 129 29.24 1.98 10.07
N SER A 130 29.81 1.74 11.26
CA SER A 130 31.20 1.31 11.38
C SER A 130 31.42 -0.15 10.97
N ARG A 131 30.37 -0.89 10.68
CA ARG A 131 30.50 -2.27 10.23
C ARG A 131 29.91 -2.47 8.83
N GLN A 132 29.76 -1.41 8.07
CA GLN A 132 29.36 -1.51 6.68
C GLN A 132 30.17 -2.57 5.95
N ARG A 133 29.47 -3.46 5.24
CA ARG A 133 30.11 -4.50 4.45
C ARG A 133 30.61 -3.91 3.13
N THR A 134 31.89 -4.04 2.87
CA THR A 134 32.49 -3.58 1.63
C THR A 134 32.34 -4.63 0.54
N GLY A 135 32.31 -4.17 -0.70
CA GLY A 135 32.36 -5.05 -1.83
C GLY A 135 31.03 -5.55 -2.36
N GLY A 136 29.93 -4.90 -2.02
CA GLY A 136 28.64 -5.25 -2.61
C GLY A 136 28.59 -4.89 -4.08
N THR A 137 27.92 -5.73 -4.87
CA THR A 137 27.96 -5.58 -6.33
C THR A 137 26.57 -5.66 -6.96
N VAL A 138 25.51 -5.75 -6.17
CA VAL A 138 24.17 -5.87 -6.74
C VAL A 138 23.87 -4.68 -7.66
N HIS A 139 24.33 -3.49 -7.30
CA HIS A 139 24.09 -2.31 -8.12
C HIS A 139 24.85 -2.36 -9.44
N LEU A 140 25.84 -3.23 -9.58
CA LEU A 140 26.64 -3.35 -10.79
C LEU A 140 26.13 -4.42 -11.74
N LEU A 141 25.09 -5.16 -11.36
CA LEU A 141 24.59 -6.22 -12.24
C LEU A 141 23.91 -5.65 -13.48
N SER A 142 23.92 -6.44 -14.56
CA SER A 142 23.20 -6.08 -15.76
C SER A 142 21.71 -5.92 -15.46
N ASP A 143 21.01 -5.25 -16.36
CA ASP A 143 19.57 -5.07 -16.19
C ASP A 143 18.88 -6.41 -15.91
N GLU A 144 19.25 -7.41 -16.69
CA GLU A 144 18.68 -8.76 -16.65
C GLU A 144 19.11 -9.47 -15.37
N GLU A 145 20.39 -9.39 -15.02
CA GLU A 145 20.90 -10.01 -13.81
C GLU A 145 20.37 -9.28 -12.58
N LEU A 146 20.04 -8.00 -12.73
CA LEU A 146 19.48 -7.23 -11.62
C LEU A 146 18.12 -7.76 -11.24
N VAL A 147 17.19 -7.78 -12.21
CA VAL A 147 15.83 -8.22 -11.93
C VAL A 147 15.82 -9.65 -11.40
N ALA A 148 16.68 -10.50 -11.95
CA ALA A 148 16.75 -11.89 -11.50
C ALA A 148 17.11 -11.95 -10.03
N GLU A 149 18.17 -11.25 -9.63
CA GLU A 149 18.57 -11.27 -8.23
C GLU A 149 17.53 -10.61 -7.32
N LEU A 150 16.63 -9.81 -7.88
CA LEU A 150 15.54 -9.23 -7.11
C LEU A 150 14.36 -10.21 -7.00
N ARG A 151 14.66 -11.44 -6.61
CA ARG A 151 13.63 -12.47 -6.50
C ARG A 151 13.97 -13.47 -5.40
N LEU A 166 7.20 -2.54 -15.96
CA LEU A 166 7.10 -1.76 -14.75
C LEU A 166 8.36 -1.85 -13.88
N VAL A 167 9.02 -3.00 -13.94
CA VAL A 167 10.27 -3.18 -13.20
C VAL A 167 11.37 -2.40 -13.88
N ARG A 168 11.32 -2.28 -15.22
CA ARG A 168 12.33 -1.49 -15.92
C ARG A 168 12.15 0.00 -15.65
N MET A 169 10.89 0.45 -15.56
CA MET A 169 10.63 1.82 -15.12
C MET A 169 11.18 2.06 -13.71
N ALA A 170 11.15 1.05 -12.85
CA ALA A 170 11.60 1.19 -11.47
C ALA A 170 13.06 0.79 -11.28
N LEU A 171 13.64 0.06 -12.23
CA LEU A 171 14.98 -0.46 -12.02
C LEU A 171 16.01 0.63 -11.80
N PRO A 172 16.02 1.71 -12.58
CA PRO A 172 17.01 2.78 -12.31
C PRO A 172 16.97 3.27 -10.88
N ALA A 173 15.78 3.38 -10.30
CA ALA A 173 15.68 3.82 -8.91
C ALA A 173 16.16 2.74 -7.94
N ILE A 174 15.84 1.47 -8.23
CA ILE A 174 16.32 0.39 -7.37
C ILE A 174 17.85 0.28 -7.44
N ARG A 175 18.41 0.38 -8.64
CA ARG A 175 19.86 0.30 -8.78
C ARG A 175 20.52 1.44 -8.02
N GLY A 176 20.05 2.67 -8.23
CA GLY A 176 20.58 3.80 -7.49
C GLY A 176 20.49 3.63 -5.98
N ASP A 177 19.37 3.10 -5.48
CA ASP A 177 19.21 2.85 -4.05
C ASP A 177 20.23 1.83 -3.56
N TYR A 178 20.34 0.72 -4.29
CA TYR A 178 21.34 -0.28 -3.93
C TYR A 178 22.74 0.29 -4.00
N ARG A 179 23.04 1.05 -5.05
CA ARG A 179 24.34 1.68 -5.14
C ARG A 179 24.60 2.48 -3.86
N ALA A 180 23.60 3.23 -3.41
CA ALA A 180 23.77 4.06 -2.22
C ALA A 180 24.04 3.17 -1.02
N ALA A 181 23.29 2.05 -0.89
CA ALA A 181 23.48 1.14 0.23
C ALA A 181 24.85 0.48 0.19
N GLU A 182 25.32 0.09 -0.98
CA GLU A 182 26.52 -0.72 -1.09
C GLU A 182 27.80 0.10 -1.15
N THR A 183 27.78 1.35 -1.59
CA THR A 183 28.98 2.16 -1.69
C THR A 183 29.12 3.15 -0.53
N TYR A 184 28.26 3.06 0.48
CA TYR A 184 28.38 3.93 1.65
C TYR A 184 29.71 3.77 2.33
N ARG A 185 30.38 4.89 2.67
CA ARG A 185 31.66 4.91 3.40
C ARG A 185 31.41 5.71 4.68
N TYR A 186 31.41 5.10 5.86
CA TYR A 186 31.23 5.77 7.14
C TYR A 186 32.43 6.67 7.38
N ARG A 187 32.17 7.93 7.60
CA ARG A 187 33.24 8.84 7.99
C ARG A 187 33.14 9.08 9.49
N PRO A 188 34.14 8.72 10.28
CA PRO A 188 34.04 8.91 11.73
C PRO A 188 33.74 10.36 12.09
N GLY A 189 32.95 10.52 13.15
CA GLY A 189 32.60 11.82 13.67
C GLY A 189 32.16 11.71 15.11
N PRO A 190 31.66 12.81 15.67
CA PRO A 190 31.18 12.76 17.07
C PRO A 190 30.08 11.73 17.20
N LYS A 191 30.14 10.96 18.29
CA LYS A 191 29.08 10.00 18.58
C LYS A 191 27.73 10.71 18.72
N LEU A 192 26.64 9.97 18.50
CA LEU A 192 25.33 10.51 18.82
C LEU A 192 25.12 10.57 20.34
N ARG A 193 24.14 11.29 20.84
CA ARG A 193 23.72 11.23 22.25
C ARG A 193 22.29 10.70 22.35
N CYS A 194 21.55 10.70 21.27
CA CYS A 194 20.15 10.25 21.30
C CYS A 194 20.14 8.75 21.49
N PRO A 195 19.09 7.98 22.24
CA PRO A 195 18.93 6.53 22.30
C PRO A 195 18.92 5.91 20.90
N ILE A 196 19.52 4.74 20.80
CA ILE A 196 19.49 3.96 19.58
C ILE A 196 18.85 2.62 19.90
N HIS A 197 17.84 2.26 19.14
CA HIS A 197 17.16 0.97 19.29
C HIS A 197 17.33 0.23 17.98
N ALA A 198 18.02 -0.89 18.02
CA ALA A 198 18.30 -1.66 16.83
C ALA A 198 17.34 -2.83 16.79
N LEU A 199 16.92 -3.20 15.58
CA LEU A 199 15.96 -4.27 15.36
C LEU A 199 16.47 -5.13 14.22
N THR A 200 16.53 -6.44 14.43
CA THR A 200 17.13 -7.32 13.44
C THR A 200 16.40 -8.66 13.43
N GLY A 201 16.51 -9.36 12.31
CA GLY A 201 16.02 -10.71 12.21
C GLY A 201 17.10 -11.71 12.55
N ASP A 202 16.71 -12.84 13.14
CA ASP A 202 17.67 -13.83 13.57
C ASP A 202 18.18 -14.71 12.44
N ASP A 203 17.65 -14.54 11.23
CA ASP A 203 18.04 -15.35 10.07
C ASP A 203 18.29 -14.47 8.87
N ASP A 204 19.09 -13.46 9.07
CA ASP A 204 19.37 -12.44 8.07
C ASP A 204 20.81 -12.53 7.65
N PRO A 205 21.12 -13.08 6.47
CA PRO A 205 22.53 -13.21 6.06
C PRO A 205 23.26 -11.89 5.95
N MET A 206 22.53 -10.76 5.86
CA MET A 206 23.17 -9.46 5.64
C MET A 206 23.44 -8.68 6.92
N VAL A 207 23.01 -9.19 8.07
CA VAL A 207 23.24 -8.53 9.37
C VAL A 207 23.57 -9.61 10.39
N THR A 208 24.83 -9.66 10.81
CA THR A 208 25.20 -10.55 11.91
C THR A 208 24.84 -9.91 13.23
N PRO A 209 24.70 -10.72 14.30
CA PRO A 209 24.43 -10.15 15.63
C PRO A 209 25.45 -9.11 16.04
N VAL A 210 26.73 -9.33 15.78
CA VAL A 210 27.74 -8.35 16.16
C VAL A 210 27.55 -7.09 15.33
N GLU A 211 27.20 -7.22 14.06
CA GLU A 211 27.01 -6.06 13.21
C GLU A 211 25.87 -5.19 13.73
N ALA A 212 24.82 -5.85 14.24
CA ALA A 212 23.70 -5.11 14.78
C ALA A 212 24.05 -4.52 16.13
N ARG A 213 24.68 -5.29 16.99
CA ARG A 213 25.06 -4.81 18.31
C ARG A 213 26.02 -3.64 18.18
N ALA A 214 26.81 -3.56 17.11
CA ALA A 214 27.80 -2.51 16.99
C ALA A 214 27.14 -1.14 16.90
N TRP A 215 25.83 -1.07 16.64
CA TRP A 215 25.17 0.23 16.70
C TRP A 215 25.36 0.88 18.05
N SER A 216 25.56 0.09 19.10
CA SER A 216 25.79 0.66 20.43
C SER A 216 27.02 1.56 20.48
N GLU A 217 27.95 1.39 19.54
CA GLU A 217 29.19 2.14 19.55
C GLU A 217 29.04 3.51 18.92
N HIS A 218 27.84 3.87 18.47
CA HIS A 218 27.61 5.12 17.76
C HIS A 218 26.77 6.13 18.54
N THR A 219 26.47 5.85 19.80
CA THR A 219 25.77 6.79 20.63
C THR A 219 26.26 6.64 22.05
N ASP A 220 26.34 7.76 22.77
CA ASP A 220 26.58 7.77 24.21
C ASP A 220 25.30 7.61 25.03
N GLY A 221 24.14 7.67 24.39
CA GLY A 221 22.88 7.42 25.04
C GLY A 221 22.59 5.94 25.17
N PRO A 222 21.41 5.62 25.66
CA PRO A 222 21.08 4.20 25.91
C PRO A 222 20.91 3.44 24.60
N PHE A 223 21.26 2.16 24.65
CA PHE A 223 21.16 1.28 23.49
C PHE A 223 20.35 0.03 23.82
N THR A 224 19.50 -0.37 22.90
CA THR A 224 18.72 -1.58 23.05
C THR A 224 18.70 -2.29 21.70
N LEU A 225 18.78 -3.60 21.74
CA LEU A 225 18.74 -4.42 20.54
C LEU A 225 17.67 -5.49 20.73
N ASP A 226 16.75 -5.57 19.76
CA ASP A 226 15.67 -6.56 19.79
C ASP A 226 15.80 -7.42 18.55
N THR A 227 15.77 -8.75 18.73
CA THR A 227 15.88 -9.70 17.65
C THR A 227 14.52 -10.35 17.43
N PHE A 228 14.22 -10.60 16.17
CA PHE A 228 12.94 -11.19 15.77
C PHE A 228 13.16 -12.43 14.90
N ALA A 229 12.22 -13.39 15.02
CA ALA A 229 12.27 -14.58 14.18
C ALA A 229 11.98 -14.17 12.74
N GLY A 230 13.00 -14.17 11.89
CA GLY A 230 12.83 -13.91 10.49
C GLY A 230 14.11 -13.35 9.91
N GLY A 231 14.01 -12.97 8.64
CA GLY A 231 15.13 -12.48 7.87
C GLY A 231 15.09 -10.99 7.66
N HIS A 232 15.62 -10.53 6.52
CA HIS A 232 15.84 -9.11 6.29
C HIS A 232 14.56 -8.31 6.36
N PHE A 233 13.43 -8.90 5.97
CA PHE A 233 12.12 -8.27 6.10
C PHE A 233 11.24 -8.94 7.17
N TYR A 234 11.89 -9.32 8.27
CA TYR A 234 11.16 -9.74 9.46
C TYR A 234 10.03 -8.78 9.81
N LEU A 235 10.20 -7.50 9.57
CA LEU A 235 9.27 -6.53 10.12
C LEU A 235 7.87 -6.64 9.54
N LEU A 236 7.73 -7.28 8.37
CA LEU A 236 6.39 -7.47 7.83
C LEU A 236 5.58 -8.44 8.67
N GLU A 237 6.25 -9.39 9.32
CA GLU A 237 5.64 -10.38 10.19
C GLU A 237 5.50 -9.88 11.61
N HIS A 238 6.23 -8.81 11.98
CA HIS A 238 6.27 -8.30 13.34
C HIS A 238 5.79 -6.86 13.41
N ARG A 239 4.85 -6.46 12.54
CA ARG A 239 4.50 -5.05 12.46
C ARG A 239 3.97 -4.55 13.80
N ASP A 240 2.94 -5.22 14.33
CA ASP A 240 2.33 -4.75 15.57
C ASP A 240 3.37 -4.65 16.69
N ALA A 241 4.28 -5.62 16.78
CA ALA A 241 5.31 -5.52 17.81
C ALA A 241 6.22 -4.31 17.59
N ILE A 242 6.64 -4.08 16.35
CA ILE A 242 7.51 -2.92 16.10
C ILE A 242 6.77 -1.61 16.36
N LEU A 243 5.48 -1.57 16.02
CA LEU A 243 4.68 -0.37 16.29
C LEU A 243 4.59 -0.09 17.79
N GLY A 244 4.43 -1.15 18.60
CA GLY A 244 4.47 -0.95 20.04
C GLY A 244 5.83 -0.50 20.56
N ILE A 245 6.91 -0.95 19.93
CA ILE A 245 8.23 -0.47 20.31
C ILE A 245 8.40 1.00 19.93
N ILE A 246 7.99 1.34 18.70
CA ILE A 246 8.04 2.74 18.28
C ILE A 246 7.22 3.58 19.24
N ALA A 247 6.00 3.16 19.55
CA ALA A 247 5.11 3.95 20.40
C ALA A 247 5.69 4.12 21.78
N GLU A 248 6.33 3.08 22.32
CA GLU A 248 6.95 3.21 23.64
C GLU A 248 8.01 4.32 23.63
N HIS A 249 8.78 4.41 22.54
CA HIS A 249 9.84 5.43 22.50
C HIS A 249 9.26 6.85 22.44
N LEU A 250 8.12 7.02 21.80
CA LEU A 250 7.50 8.33 21.65
C LEU A 250 6.40 8.58 22.67
N ARG A 251 6.26 7.72 23.67
CA ARG A 251 5.33 7.94 24.79
C ARG A 251 3.88 7.99 24.30
N THR A 252 3.53 7.02 23.46
CA THR A 252 2.18 6.93 22.89
C THR A 252 1.74 5.46 22.89
N CYS A 253 0.54 5.23 22.37
CA CYS A 253 -0.01 3.89 22.22
C CYS A 253 -0.21 3.58 20.74
N SER A 254 -0.31 2.30 20.43
CA SER A 254 -0.52 1.83 19.06
C SER A 254 -1.97 1.39 18.86
N ARG A 255 -2.39 1.39 17.59
CA ARG A 255 -3.74 0.98 17.22
C ARG A 255 -3.80 -0.51 16.92
N ASN B 7 4.15 -19.01 3.02
CA ASN B 7 4.32 -17.76 2.27
C ASN B 7 3.05 -17.47 1.44
N THR B 8 3.10 -16.72 0.29
CA THR B 8 1.99 -16.45 -0.60
C THR B 8 1.89 -17.25 -1.91
N HIS B 9 0.70 -17.29 -2.52
CA HIS B 9 0.44 -18.02 -3.79
C HIS B 9 -0.48 -17.22 -4.74
N SER B 10 0.02 -16.67 -5.88
CA SER B 10 -0.71 -15.90 -6.85
C SER B 10 -0.82 -16.73 -8.11
N ASP B 11 -1.96 -16.60 -8.76
CA ASP B 11 -2.24 -17.12 -10.07
C ASP B 11 -2.32 -15.91 -11.01
N VAL B 12 -2.38 -16.16 -12.31
CA VAL B 12 -2.58 -15.08 -13.27
C VAL B 12 -3.79 -14.25 -12.86
N TRP B 13 -4.87 -14.90 -12.38
CA TRP B 13 -6.07 -14.21 -11.92
C TRP B 13 -5.99 -13.69 -10.47
N ILE B 14 -5.43 -14.47 -9.56
CA ILE B 14 -5.54 -14.22 -8.11
C ILE B 14 -4.16 -13.85 -7.58
N ARG B 15 -4.06 -12.70 -6.89
CA ARG B 15 -2.79 -12.18 -6.36
C ARG B 15 -2.92 -12.14 -4.83
N GLN B 16 -2.13 -12.92 -4.12
CA GLN B 16 -2.09 -12.92 -2.66
C GLN B 16 -0.78 -12.24 -2.30
N TYR B 17 -0.85 -11.02 -1.79
CA TYR B 17 0.32 -10.22 -1.51
C TYR B 17 0.96 -10.48 -0.15
N ARG B 18 0.23 -11.02 0.79
CA ARG B 18 0.77 -11.30 2.11
C ARG B 18 0.37 -12.67 2.57
N PRO B 19 1.20 -13.36 3.36
CA PRO B 19 0.81 -14.64 3.90
C PRO B 19 -0.34 -14.48 4.90
N ALA B 20 -1.18 -15.52 4.97
CA ALA B 20 -2.29 -15.53 5.91
C ALA B 20 -2.27 -16.82 6.71
N HIS B 21 -2.92 -16.80 7.86
CA HIS B 21 -2.99 -17.98 8.71
C HIS B 21 -3.82 -19.04 7.99
N PRO B 22 -3.60 -20.32 8.26
CA PRO B 22 -4.22 -21.35 7.40
C PRO B 22 -5.74 -21.28 7.38
N THR B 23 -6.38 -21.00 8.52
CA THR B 23 -7.84 -20.92 8.57
C THR B 23 -8.34 -19.47 8.56
N ALA B 24 -7.56 -18.53 8.05
CA ALA B 24 -8.00 -17.14 8.01
C ALA B 24 -9.17 -16.99 7.03
N PRO B 25 -10.16 -16.18 7.35
CA PRO B 25 -11.22 -15.91 6.37
C PRO B 25 -10.64 -15.18 5.17
N GLN B 26 -11.25 -15.38 4.01
CA GLN B 26 -10.70 -14.84 2.77
C GLN B 26 -11.56 -13.69 2.31
N LEU B 27 -10.91 -12.67 1.76
CA LEU B 27 -11.55 -11.48 1.20
C LEU B 27 -11.11 -11.40 -0.25
N ILE B 28 -12.07 -11.46 -1.17
CA ILE B 28 -11.79 -11.36 -2.60
C ILE B 28 -12.07 -9.91 -2.97
N CYS B 29 -11.07 -9.23 -3.51
CA CYS B 29 -11.17 -7.81 -3.85
C CYS B 29 -11.18 -7.64 -5.36
N LEU B 30 -12.19 -6.93 -5.86
CA LEU B 30 -12.36 -6.71 -7.30
C LEU B 30 -12.06 -5.25 -7.61
N PRO B 31 -11.07 -4.93 -8.43
CA PRO B 31 -10.74 -3.52 -8.69
C PRO B 31 -11.79 -2.82 -9.56
N HIS B 32 -11.72 -1.50 -9.52
CA HIS B 32 -12.53 -0.65 -10.38
C HIS B 32 -12.03 -0.73 -11.81
N ALA B 33 -12.76 -0.08 -12.72
CA ALA B 33 -12.37 -0.05 -14.13
C ALA B 33 -11.05 0.71 -14.27
N GLY B 34 -10.11 0.14 -14.99
CA GLY B 34 -8.77 0.66 -15.01
C GLY B 34 -7.93 0.28 -13.82
N GLY B 35 -8.50 -0.41 -12.84
CA GLY B 35 -7.73 -0.81 -11.68
C GLY B 35 -7.12 -2.18 -11.83
N SER B 36 -6.08 -2.40 -11.04
CA SER B 36 -5.36 -3.67 -11.07
C SER B 36 -5.34 -4.24 -9.66
N ALA B 37 -4.88 -5.49 -9.52
CA ALA B 37 -4.87 -6.17 -8.24
C ALA B 37 -4.01 -5.41 -7.24
N THR B 38 -2.96 -4.73 -7.70
CA THR B 38 -2.10 -4.00 -6.77
C THR B 38 -2.86 -2.87 -6.10
N PHE B 39 -4.05 -2.51 -6.60
CA PHE B 39 -4.83 -1.51 -5.89
C PHE B 39 -5.09 -1.93 -4.44
N TYR B 40 -5.16 -3.22 -4.21
CA TYR B 40 -5.53 -3.77 -2.91
C TYR B 40 -4.32 -4.26 -2.11
N HIS B 41 -3.10 -4.04 -2.59
CA HIS B 41 -1.94 -4.37 -1.77
C HIS B 41 -1.99 -3.74 -0.37
N PRO B 42 -2.41 -2.48 -0.17
CA PRO B 42 -2.49 -1.94 1.20
C PRO B 42 -3.53 -2.64 2.08
N VAL B 43 -4.59 -3.19 1.47
CA VAL B 43 -5.54 -3.97 2.26
C VAL B 43 -4.91 -5.29 2.72
N ALA B 44 -4.20 -5.97 1.84
CA ALA B 44 -3.52 -7.19 2.20
C ALA B 44 -2.51 -6.93 3.30
N ALA B 45 -1.74 -5.85 3.16
CA ALA B 45 -0.78 -5.51 4.19
C ALA B 45 -1.46 -5.27 5.52
N ALA B 46 -2.63 -4.62 5.51
CA ALA B 46 -3.29 -4.23 6.75
C ALA B 46 -4.03 -5.39 7.41
N LEU B 47 -4.60 -6.31 6.64
CA LEU B 47 -5.49 -7.34 7.17
C LEU B 47 -4.82 -8.69 7.36
N ALA B 48 -3.82 -9.02 6.56
CA ALA B 48 -3.06 -10.24 6.77
C ALA B 48 -2.25 -10.08 8.06
N PRO B 49 -1.95 -11.20 8.77
CA PRO B 49 -2.29 -12.59 8.43
C PRO B 49 -3.68 -13.05 8.91
N ARG B 50 -4.41 -12.17 9.60
CA ARG B 50 -5.67 -12.58 10.19
C ARG B 50 -6.74 -12.78 9.13
N CYS B 51 -6.58 -12.10 7.99
CA CYS B 51 -7.49 -12.25 6.86
C CYS B 51 -6.68 -12.52 5.59
N ASP B 52 -7.12 -13.50 4.80
CA ASP B 52 -6.47 -13.87 3.54
C ASP B 52 -7.01 -12.99 2.42
N VAL B 53 -6.26 -11.94 2.07
CA VAL B 53 -6.73 -10.98 1.08
C VAL B 53 -6.29 -11.46 -0.29
N LEU B 54 -7.24 -11.57 -1.22
CA LEU B 54 -7.00 -12.07 -2.56
C LEU B 54 -7.44 -11.00 -3.54
N ALA B 55 -6.50 -10.42 -4.26
CA ALA B 55 -6.78 -9.34 -5.19
C ALA B 55 -6.85 -9.92 -6.60
N VAL B 56 -7.87 -9.51 -7.36
CA VAL B 56 -8.12 -10.07 -8.68
C VAL B 56 -7.48 -9.17 -9.73
N GLN B 57 -6.84 -9.78 -10.71
CA GLN B 57 -6.16 -9.09 -11.81
C GLN B 57 -6.86 -9.46 -13.12
N TYR B 58 -7.61 -8.52 -13.68
CA TYR B 58 -8.32 -8.77 -14.91
C TYR B 58 -7.32 -8.81 -16.06
N PRO B 59 -7.67 -9.50 -17.14
CA PRO B 59 -6.81 -9.46 -18.34
C PRO B 59 -6.68 -8.05 -18.89
N GLY B 60 -5.50 -7.76 -19.43
CA GLY B 60 -5.27 -6.55 -20.19
C GLY B 60 -4.44 -5.50 -19.51
N ARG B 61 -4.01 -5.71 -18.28
CA ARG B 61 -3.29 -4.70 -17.54
C ARG B 61 -2.07 -5.33 -16.91
N GLN B 62 -1.05 -4.49 -16.72
CA GLN B 62 0.18 -4.86 -16.00
C GLN B 62 0.75 -6.11 -16.65
N ASP B 63 1.11 -7.20 -15.95
CA ASP B 63 1.69 -8.41 -16.56
C ASP B 63 0.66 -9.12 -17.42
N ARG B 64 -0.65 -8.83 -17.33
CA ARG B 64 -1.60 -9.38 -18.29
C ARG B 64 -1.84 -8.47 -19.50
N ARG B 65 -0.94 -7.54 -19.78
CA ARG B 65 -1.15 -6.60 -20.86
C ARG B 65 -1.15 -7.28 -22.22
N ALA B 66 -0.63 -8.51 -22.33
CA ALA B 66 -0.61 -9.20 -23.62
C ALA B 66 -1.99 -9.72 -23.98
N GLU B 67 -2.88 -9.86 -23.00
CA GLU B 67 -4.20 -10.42 -23.22
C GLU B 67 -5.20 -9.30 -23.54
N LYS B 68 -6.18 -9.64 -24.37
CA LYS B 68 -7.26 -8.71 -24.68
C LYS B 68 -8.14 -8.47 -23.45
N PRO B 69 -8.40 -7.22 -23.09
CA PRO B 69 -9.30 -6.98 -21.95
C PRO B 69 -10.72 -7.45 -22.25
N LEU B 70 -11.39 -7.92 -21.21
CA LEU B 70 -12.78 -8.34 -21.33
C LEU B 70 -13.67 -7.11 -21.30
N GLU B 71 -14.74 -7.14 -22.10
CA GLU B 71 -15.58 -5.97 -22.28
C GLU B 71 -17.01 -6.20 -21.80
N ASP B 72 -17.21 -7.21 -20.98
CA ASP B 72 -18.57 -7.55 -20.52
C ASP B 72 -18.47 -8.06 -19.07
N ILE B 73 -19.24 -7.51 -18.15
CA ILE B 73 -19.22 -8.00 -16.78
C ILE B 73 -19.50 -9.49 -16.73
N ASP B 74 -20.48 -9.96 -17.53
CA ASP B 74 -20.85 -11.38 -17.53
C ASP B 74 -19.67 -12.26 -17.92
N GLU B 75 -18.93 -11.86 -18.97
CA GLU B 75 -17.79 -12.66 -19.39
C GLU B 75 -16.72 -12.64 -18.32
N LEU B 76 -16.53 -11.49 -17.69
CA LEU B 76 -15.59 -11.40 -16.58
C LEU B 76 -15.97 -12.39 -15.49
N ALA B 77 -17.24 -12.37 -15.05
CA ALA B 77 -17.69 -13.24 -13.98
C ALA B 77 -17.60 -14.70 -14.38
N ASN B 78 -17.99 -15.05 -15.61
CA ASN B 78 -17.96 -16.46 -16.01
C ASN B 78 -16.53 -16.96 -16.08
N GLN B 79 -15.59 -16.10 -16.48
CA GLN B 79 -14.19 -16.50 -16.51
C GLN B 79 -13.62 -16.58 -15.08
N LEU B 80 -13.99 -15.64 -14.24
CA LEU B 80 -13.42 -15.55 -12.91
C LEU B 80 -14.02 -16.56 -11.93
N PHE B 81 -15.27 -16.94 -12.12
CA PHE B 81 -15.90 -17.76 -11.08
C PHE B 81 -15.21 -19.10 -10.92
N PRO B 82 -14.92 -19.85 -11.99
CA PRO B 82 -14.21 -21.12 -11.80
C PRO B 82 -12.88 -20.95 -11.08
N VAL B 83 -12.15 -19.89 -11.43
CA VAL B 83 -10.89 -19.62 -10.77
C VAL B 83 -11.09 -19.39 -9.27
N LEU B 84 -12.06 -18.55 -8.93
CA LEU B 84 -12.29 -18.27 -7.53
C LEU B 84 -12.87 -19.48 -6.79
N ARG B 85 -13.81 -20.20 -7.44
CA ARG B 85 -14.37 -21.43 -6.87
C ARG B 85 -13.29 -22.42 -6.44
N ALA B 86 -12.21 -22.56 -7.22
CA ALA B 86 -11.15 -23.50 -6.87
C ALA B 86 -10.31 -23.01 -5.71
N ARG B 87 -10.35 -21.72 -5.40
CA ARG B 87 -9.54 -21.14 -4.34
C ARG B 87 -10.32 -20.85 -3.08
N VAL B 88 -11.59 -20.63 -3.17
CA VAL B 88 -12.41 -20.05 -2.10
C VAL B 88 -12.99 -21.16 -1.24
N HIS B 89 -13.11 -20.87 0.03
CA HIS B 89 -13.85 -21.71 0.96
C HIS B 89 -14.37 -20.83 2.11
N GLN B 90 -15.58 -21.07 2.55
CA GLN B 90 -16.13 -20.30 3.65
C GLN B 90 -15.18 -20.35 4.85
N PRO B 91 -15.05 -19.26 5.59
CA PRO B 91 -15.77 -17.99 5.45
C PRO B 91 -15.07 -17.07 4.43
N VAL B 92 -15.87 -16.47 3.57
CA VAL B 92 -15.33 -15.63 2.49
C VAL B 92 -16.27 -14.45 2.29
N ALA B 93 -15.70 -13.30 1.92
CA ALA B 93 -16.43 -12.09 1.55
C ALA B 93 -15.89 -11.50 0.26
N LEU B 94 -16.75 -10.75 -0.42
CA LEU B 94 -16.39 -10.09 -1.66
C LEU B 94 -16.40 -8.60 -1.41
N PHE B 95 -15.34 -7.92 -1.87
CA PHE B 95 -15.27 -6.46 -1.87
C PHE B 95 -15.06 -5.98 -3.30
N GLY B 96 -15.86 -5.01 -3.74
CA GLY B 96 -15.70 -4.46 -5.08
C GLY B 96 -15.94 -2.99 -5.07
N HIS B 97 -15.16 -2.31 -5.88
CA HIS B 97 -15.21 -0.86 -6.00
C HIS B 97 -15.58 -0.47 -7.41
N SER B 98 -16.57 0.42 -7.54
CA SER B 98 -17.07 0.89 -8.83
C SER B 98 -17.41 -0.34 -9.71
N MET B 99 -16.86 -0.44 -10.92
CA MET B 99 -17.16 -1.63 -11.71
C MET B 99 -16.99 -2.91 -10.90
N GLY B 100 -15.99 -2.94 -10.03
CA GLY B 100 -15.73 -4.14 -9.27
C GLY B 100 -16.88 -4.54 -8.38
N ALA B 101 -17.68 -3.56 -7.95
CA ALA B 101 -18.87 -3.86 -7.15
C ALA B 101 -19.89 -4.68 -7.95
N THR B 102 -20.09 -4.34 -9.20
CA THR B 102 -21.05 -5.06 -10.01
C THR B 102 -20.55 -6.45 -10.33
N LEU B 103 -19.25 -6.56 -10.59
CA LEU B 103 -18.63 -7.87 -10.73
C LEU B 103 -18.79 -8.68 -9.45
N ALA B 104 -18.45 -8.10 -8.30
CA ALA B 104 -18.63 -8.81 -7.03
C ALA B 104 -20.06 -9.29 -6.86
N PHE B 105 -21.04 -8.44 -7.18
CA PHE B 105 -22.43 -8.86 -7.17
C PHE B 105 -22.66 -10.08 -8.06
N GLU B 106 -22.22 -10.01 -9.32
CA GLU B 106 -22.44 -11.13 -10.21
C GLU B 106 -21.71 -12.38 -9.71
N LEU B 107 -20.53 -12.23 -9.09
CA LEU B 107 -19.85 -13.37 -8.50
C LEU B 107 -20.63 -13.94 -7.33
N ALA B 108 -21.17 -13.07 -6.48
CA ALA B 108 -21.96 -13.54 -5.35
C ALA B 108 -23.16 -14.37 -5.78
N ARG B 109 -23.86 -13.96 -6.84
CA ARG B 109 -24.97 -14.76 -7.34
C ARG B 109 -24.52 -16.15 -7.78
N ARG B 110 -23.36 -16.23 -8.44
CA ARG B 110 -22.83 -17.52 -8.85
C ARG B 110 -22.38 -18.34 -7.64
N PHE B 111 -21.76 -17.69 -6.68
CA PHE B 111 -21.37 -18.41 -5.46
C PHE B 111 -22.60 -18.99 -4.74
N GLU B 112 -23.64 -18.18 -4.61
CA GLU B 112 -24.84 -18.64 -3.90
C GLU B 112 -25.55 -19.73 -4.67
N SER B 113 -25.54 -19.64 -6.01
CA SER B 113 -26.13 -20.68 -6.84
C SER B 113 -25.38 -21.98 -6.68
N ALA B 114 -24.09 -21.94 -6.42
CA ALA B 114 -23.29 -23.14 -6.21
C ALA B 114 -23.33 -23.64 -4.77
N GLY B 115 -24.13 -23.02 -3.90
CA GLY B 115 -24.21 -23.41 -2.50
C GLY B 115 -23.10 -22.91 -1.61
N ILE B 116 -22.39 -21.87 -2.04
CA ILE B 116 -21.34 -21.26 -1.23
C ILE B 116 -21.92 -20.01 -0.59
N SER B 117 -22.07 -20.02 0.73
CA SER B 117 -22.54 -18.87 1.50
C SER B 117 -21.44 -17.81 1.55
N LEU B 118 -21.81 -16.55 1.59
CA LEU B 118 -20.90 -15.43 1.68
C LEU B 118 -21.09 -14.73 3.01
N GLU B 119 -19.98 -14.35 3.66
CA GLU B 119 -20.08 -13.60 4.90
C GLU B 119 -20.65 -12.21 4.63
N ALA B 120 -20.27 -11.60 3.50
CA ALA B 120 -20.76 -10.28 3.14
C ALA B 120 -20.38 -9.99 1.70
N LEU B 121 -21.20 -9.14 1.08
CA LEU B 121 -20.85 -8.51 -0.19
C LEU B 121 -20.71 -7.02 0.09
N LEU B 122 -19.48 -6.52 -0.04
CA LEU B 122 -19.16 -5.12 0.16
C LEU B 122 -19.05 -4.47 -1.20
N VAL B 123 -19.86 -3.43 -1.43
CA VAL B 123 -19.96 -2.77 -2.72
C VAL B 123 -19.70 -1.28 -2.51
N SER B 124 -18.66 -0.78 -3.16
CA SER B 124 -18.20 0.58 -2.95
C SER B 124 -18.46 1.39 -4.21
N ALA B 125 -19.07 2.57 -4.04
CA ALA B 125 -19.16 3.57 -5.11
C ALA B 125 -19.81 3.02 -6.40
N ARG B 126 -20.97 2.42 -6.25
CA ARG B 126 -21.66 1.89 -7.39
C ARG B 126 -23.15 1.85 -7.15
N PRO B 127 -23.97 2.35 -8.09
CA PRO B 127 -25.42 2.13 -7.99
C PRO B 127 -25.76 0.64 -7.89
N ALA B 128 -26.92 0.38 -7.29
CA ALA B 128 -27.49 -0.98 -7.30
C ALA B 128 -27.58 -1.52 -8.74
N PRO B 129 -27.46 -2.84 -8.91
CA PRO B 129 -27.60 -3.41 -10.26
C PRO B 129 -28.93 -3.05 -10.89
N SER B 130 -29.98 -2.89 -10.11
CA SER B 130 -31.27 -2.41 -10.63
C SER B 130 -31.30 -0.90 -10.93
N ARG B 131 -30.24 -0.20 -10.58
CA ARG B 131 -30.15 1.24 -10.81
C ARG B 131 -29.01 1.60 -11.74
N GLN B 132 -28.56 0.63 -12.52
CA GLN B 132 -27.53 0.86 -13.53
C GLN B 132 -27.94 2.04 -14.39
N ARG B 133 -27.03 3.02 -14.51
CA ARG B 133 -27.28 4.18 -15.35
C ARG B 133 -27.00 3.83 -16.81
N THR B 134 -27.92 4.21 -17.68
CA THR B 134 -27.80 3.92 -19.10
C THR B 134 -27.16 5.09 -19.83
N GLY B 135 -26.47 4.77 -20.92
CA GLY B 135 -25.93 5.81 -21.79
C GLY B 135 -24.53 6.27 -21.48
N GLY B 136 -23.78 5.53 -20.68
CA GLY B 136 -22.39 5.88 -20.41
C GLY B 136 -21.55 5.70 -21.67
N THR B 137 -20.75 6.72 -22.01
CA THR B 137 -19.96 6.72 -23.24
C THR B 137 -18.47 6.91 -23.00
N VAL B 138 -18.01 6.86 -21.75
CA VAL B 138 -16.59 7.00 -21.49
C VAL B 138 -15.78 6.02 -22.31
N HIS B 139 -16.32 4.81 -22.51
CA HIS B 139 -15.60 3.81 -23.30
C HIS B 139 -15.54 4.19 -24.78
N LEU B 140 -16.28 5.19 -25.21
CA LEU B 140 -16.27 5.59 -26.61
C LEU B 140 -15.41 6.83 -26.86
N LEU B 141 -14.88 7.45 -25.81
CA LEU B 141 -14.06 8.62 -25.96
C LEU B 141 -12.77 8.31 -26.70
N SER B 142 -12.13 9.35 -27.21
CA SER B 142 -10.83 9.18 -27.82
C SER B 142 -9.81 8.90 -26.72
N ASP B 143 -8.62 8.45 -27.13
CA ASP B 143 -7.60 8.12 -26.14
C ASP B 143 -7.29 9.33 -25.26
N GLU B 144 -7.09 10.50 -25.87
CA GLU B 144 -6.73 11.68 -25.09
C GLU B 144 -7.91 12.19 -24.26
N GLU B 145 -9.12 12.10 -24.81
CA GLU B 145 -10.31 12.46 -24.01
C GLU B 145 -10.52 11.47 -22.87
N LEU B 146 -10.19 10.20 -23.08
CA LEU B 146 -10.31 9.25 -22.00
C LEU B 146 -9.30 9.56 -20.90
N VAL B 147 -8.08 9.90 -21.30
CA VAL B 147 -7.07 10.29 -20.31
C VAL B 147 -7.56 11.50 -19.54
N ALA B 148 -8.18 12.47 -20.23
CA ALA B 148 -8.61 13.69 -19.59
C ALA B 148 -9.66 13.39 -18.54
N GLU B 149 -10.70 12.64 -18.90
CA GLU B 149 -11.76 12.34 -17.93
C GLU B 149 -11.21 11.53 -16.76
N LEU B 150 -10.28 10.61 -17.04
CA LEU B 150 -9.63 9.88 -15.95
C LEU B 150 -8.81 10.82 -15.08
N ARG B 151 -8.10 11.77 -15.69
CA ARG B 151 -7.47 12.85 -14.92
C ARG B 151 -8.49 13.57 -14.04
N THR B 152 -9.69 13.78 -14.57
CA THR B 152 -10.80 14.25 -13.74
C THR B 152 -11.25 13.11 -12.82
N LEU B 153 -12.04 13.46 -11.81
CA LEU B 153 -12.51 12.45 -10.86
C LEU B 153 -11.37 11.84 -10.04
N ASP B 154 -10.19 11.59 -10.62
CA ASP B 154 -8.87 11.44 -9.99
C ASP B 154 -8.58 12.69 -9.14
N GLY B 155 -8.51 13.92 -9.75
CA GLY B 155 -8.20 15.17 -9.08
C GLY B 155 -9.05 15.37 -7.84
N THR B 156 -10.19 14.67 -7.80
CA THR B 156 -11.01 14.65 -6.58
C THR B 156 -10.16 14.33 -5.36
N ALA B 157 -9.33 13.30 -5.45
CA ALA B 157 -8.39 12.92 -4.41
C ALA B 157 -6.98 13.33 -4.84
N GLU B 158 -5.97 12.69 -4.25
CA GLU B 158 -4.58 13.05 -4.53
C GLU B 158 -3.86 11.94 -5.28
N GLN B 159 -4.41 11.55 -6.43
CA GLN B 159 -3.73 10.75 -7.46
C GLN B 159 -4.13 9.28 -7.48
N VAL B 160 -5.14 8.96 -8.29
CA VAL B 160 -5.39 7.61 -8.78
C VAL B 160 -4.93 7.56 -10.23
N PHE B 161 -5.63 8.30 -11.10
CA PHE B 161 -5.26 8.40 -12.52
C PHE B 161 -4.56 9.71 -12.80
N HIS B 162 -3.31 9.82 -12.34
CA HIS B 162 -2.46 10.94 -12.68
C HIS B 162 -1.07 10.54 -13.14
N ASP B 163 -0.60 9.33 -12.81
CA ASP B 163 0.64 8.83 -13.41
C ASP B 163 0.38 8.55 -14.88
N GLU B 164 0.30 9.62 -15.69
CA GLU B 164 -0.10 9.51 -17.08
C GLU B 164 0.67 8.41 -17.81
N GLU B 165 1.92 8.16 -17.41
CA GLU B 165 2.71 7.10 -18.04
C GLU B 165 2.06 5.73 -17.81
N LEU B 166 1.53 5.51 -16.61
CA LEU B 166 0.83 4.26 -16.32
C LEU B 166 -0.54 4.24 -16.97
N VAL B 167 -1.21 5.40 -17.00
CA VAL B 167 -2.57 5.45 -17.55
C VAL B 167 -2.55 5.16 -19.04
N ARG B 168 -1.53 5.62 -19.75
CA ARG B 168 -1.53 5.48 -21.20
C ARG B 168 -1.26 4.05 -21.60
N MET B 169 -0.40 3.35 -20.86
CA MET B 169 -0.14 1.96 -21.18
C MET B 169 -1.26 1.04 -20.71
N ALA B 170 -2.12 1.52 -19.82
CA ALA B 170 -3.29 0.77 -19.38
C ALA B 170 -4.55 1.13 -20.15
N LEU B 171 -4.45 2.01 -21.14
CA LEU B 171 -5.66 2.56 -21.76
C LEU B 171 -6.52 1.49 -22.42
N PRO B 172 -5.97 0.49 -23.11
CA PRO B 172 -6.84 -0.59 -23.63
C PRO B 172 -7.62 -1.29 -22.53
N ALA B 173 -6.99 -1.54 -21.39
CA ALA B 173 -7.71 -2.14 -20.28
C ALA B 173 -8.73 -1.17 -19.69
N ILE B 174 -8.37 0.10 -19.61
CA ILE B 174 -9.30 1.08 -19.07
C ILE B 174 -10.53 1.15 -19.96
N ARG B 175 -10.30 1.27 -21.27
CA ARG B 175 -11.42 1.37 -22.20
C ARG B 175 -12.29 0.13 -22.12
N GLY B 176 -11.68 -1.04 -22.03
CA GLY B 176 -12.44 -2.27 -21.96
C GLY B 176 -13.26 -2.38 -20.69
N ASP B 177 -12.64 -2.07 -19.56
CA ASP B 177 -13.33 -2.12 -18.29
C ASP B 177 -14.54 -1.18 -18.26
N TYR B 178 -14.39 0.04 -18.80
CA TYR B 178 -15.48 1.00 -18.81
C TYR B 178 -16.60 0.54 -19.73
N ARG B 179 -16.26 -0.08 -20.86
CA ARG B 179 -17.33 -0.65 -21.69
C ARG B 179 -18.12 -1.68 -20.89
N ALA B 180 -17.43 -2.49 -20.09
CA ALA B 180 -18.13 -3.49 -19.29
C ALA B 180 -19.08 -2.82 -18.30
N ALA B 181 -18.59 -1.77 -17.60
CA ALA B 181 -19.37 -1.11 -16.56
C ALA B 181 -20.52 -0.35 -17.20
N GLU B 182 -20.25 0.31 -18.32
CA GLU B 182 -21.25 1.20 -18.91
C GLU B 182 -22.32 0.44 -19.68
N THR B 183 -22.01 -0.76 -20.19
CA THR B 183 -22.96 -1.53 -20.99
C THR B 183 -23.58 -2.66 -20.17
N TYR B 184 -23.22 -2.78 -18.91
CA TYR B 184 -23.83 -3.78 -18.04
C TYR B 184 -25.34 -3.65 -18.08
N ARG B 185 -26.02 -4.76 -18.25
CA ARG B 185 -27.48 -4.80 -18.13
C ARG B 185 -27.82 -5.86 -17.10
N TYR B 186 -28.52 -5.46 -16.05
CA TYR B 186 -28.87 -6.35 -14.96
C TYR B 186 -29.94 -7.29 -15.46
N ARG B 187 -29.70 -8.59 -15.35
CA ARG B 187 -30.72 -9.57 -15.65
C ARG B 187 -31.25 -10.16 -14.36
N PRO B 188 -32.51 -9.88 -14.00
CA PRO B 188 -32.98 -10.26 -12.67
C PRO B 188 -32.96 -11.78 -12.43
N GLY B 189 -32.65 -12.15 -11.19
CA GLY B 189 -32.76 -13.52 -10.76
C GLY B 189 -33.01 -13.58 -9.27
N PRO B 190 -32.80 -14.75 -8.66
CA PRO B 190 -33.02 -14.89 -7.21
C PRO B 190 -32.24 -13.84 -6.41
N LYS B 191 -32.86 -13.29 -5.39
CA LYS B 191 -32.15 -12.37 -4.52
C LYS B 191 -31.05 -13.12 -3.77
N LEU B 192 -30.00 -12.39 -3.42
CA LEU B 192 -28.97 -12.93 -2.54
C LEU B 192 -29.51 -13.14 -1.12
N ARG B 193 -28.82 -13.90 -0.30
CA ARG B 193 -29.08 -14.13 1.12
C ARG B 193 -28.00 -13.48 1.97
N CYS B 194 -26.84 -13.15 1.44
CA CYS B 194 -25.73 -12.67 2.24
C CYS B 194 -25.96 -11.22 2.65
N PRO B 195 -25.34 -10.79 3.75
CA PRO B 195 -25.30 -9.36 4.04
C PRO B 195 -24.65 -8.59 2.90
N ILE B 196 -25.21 -7.42 2.61
CA ILE B 196 -24.63 -6.48 1.66
C ILE B 196 -24.31 -5.22 2.44
N HIS B 197 -23.09 -4.76 2.32
CA HIS B 197 -22.68 -3.50 2.94
C HIS B 197 -22.23 -2.53 1.84
N ALA B 198 -22.98 -1.45 1.66
CA ALA B 198 -22.67 -0.45 0.66
C ALA B 198 -21.82 0.65 1.27
N LEU B 199 -20.90 1.15 0.45
CA LEU B 199 -19.95 2.17 0.89
C LEU B 199 -19.85 3.21 -0.22
N THR B 200 -20.00 4.47 0.15
CA THR B 200 -20.13 5.52 -0.86
C THR B 200 -19.53 6.82 -0.33
N GLY B 201 -19.13 7.68 -1.27
CA GLY B 201 -18.76 9.03 -0.94
C GLY B 201 -19.98 9.93 -1.02
N ASP B 202 -20.01 10.93 -0.16
CA ASP B 202 -21.15 11.85 -0.12
C ASP B 202 -21.05 12.91 -1.20
N ASP B 203 -19.99 12.90 -2.00
CA ASP B 203 -19.74 13.89 -3.04
C ASP B 203 -19.40 13.22 -4.38
N ASP B 204 -20.04 12.08 -4.65
CA ASP B 204 -19.79 11.31 -5.86
C ASP B 204 -20.97 11.46 -6.82
N PRO B 205 -20.84 12.24 -7.89
CA PRO B 205 -21.99 12.44 -8.79
C PRO B 205 -22.46 11.17 -9.47
N MET B 206 -21.63 10.11 -9.48
CA MET B 206 -21.97 8.86 -10.16
C MET B 206 -22.86 7.93 -9.32
N VAL B 207 -23.04 8.23 -8.04
CA VAL B 207 -23.84 7.42 -7.13
C VAL B 207 -24.68 8.34 -6.23
N THR B 208 -25.97 8.36 -6.43
CA THR B 208 -26.81 9.14 -5.53
C THR B 208 -27.08 8.32 -4.28
N PRO B 209 -27.47 8.98 -3.18
CA PRO B 209 -27.86 8.23 -1.96
C PRO B 209 -28.88 7.12 -2.25
N VAL B 210 -29.87 7.41 -3.07
CA VAL B 210 -30.90 6.42 -3.37
C VAL B 210 -30.32 5.29 -4.20
N GLU B 211 -29.45 5.61 -5.15
CA GLU B 211 -28.82 4.56 -5.96
C GLU B 211 -27.99 3.62 -5.11
N ALA B 212 -27.36 4.14 -4.07
CA ALA B 212 -26.55 3.31 -3.17
C ALA B 212 -27.46 2.49 -2.27
N ARG B 213 -28.49 3.13 -1.70
CA ARG B 213 -29.43 2.44 -0.83
C ARG B 213 -30.22 1.37 -1.57
N ALA B 214 -30.32 1.46 -2.90
CA ALA B 214 -31.06 0.46 -3.66
C ALA B 214 -30.44 -0.95 -3.58
N TRP B 215 -29.16 -1.05 -3.18
CA TRP B 215 -28.57 -2.36 -2.96
C TRP B 215 -29.35 -3.19 -1.95
N SER B 216 -30.14 -2.56 -1.10
CA SER B 216 -30.93 -3.31 -0.13
C SER B 216 -31.97 -4.18 -0.81
N GLU B 217 -32.37 -3.87 -2.03
CA GLU B 217 -33.42 -4.61 -2.71
C GLU B 217 -32.90 -5.90 -3.33
N HIS B 218 -31.60 -6.17 -3.25
CA HIS B 218 -30.97 -7.29 -3.93
C HIS B 218 -30.59 -8.42 -2.98
N THR B 219 -30.91 -8.30 -1.71
CA THR B 219 -30.62 -9.39 -0.78
C THR B 219 -31.72 -9.45 0.25
N ASP B 220 -32.02 -10.66 0.71
CA ASP B 220 -32.86 -10.88 1.89
C ASP B 220 -32.06 -10.75 3.18
N GLY B 221 -30.74 -10.73 3.11
CA GLY B 221 -29.94 -10.52 4.29
C GLY B 221 -29.90 -9.07 4.71
N PRO B 222 -29.13 -8.79 5.77
CA PRO B 222 -29.08 -7.43 6.31
C PRO B 222 -28.34 -6.51 5.36
N PHE B 223 -28.83 -5.29 5.26
CA PHE B 223 -28.22 -4.26 4.43
C PHE B 223 -27.74 -3.13 5.32
N THR B 224 -26.48 -2.73 5.15
CA THR B 224 -25.92 -1.58 5.85
C THR B 224 -25.35 -0.65 4.78
N LEU B 225 -25.36 0.64 5.05
CA LEU B 225 -24.78 1.63 4.15
C LEU B 225 -24.01 2.61 5.03
N ASP B 226 -22.72 2.82 4.70
CA ASP B 226 -21.94 3.90 5.28
C ASP B 226 -21.50 4.88 4.20
N THR B 227 -21.61 6.17 4.49
CA THR B 227 -21.22 7.23 3.60
C THR B 227 -20.08 8.03 4.22
N PHE B 228 -19.15 8.43 3.40
CA PHE B 228 -17.95 9.10 3.84
C PHE B 228 -17.76 10.36 3.01
N ALA B 229 -17.06 11.34 3.60
CA ALA B 229 -16.69 12.55 2.88
C ALA B 229 -15.75 12.19 1.74
N GLY B 230 -16.11 12.62 0.53
CA GLY B 230 -15.26 12.39 -0.62
C GLY B 230 -16.03 11.92 -1.83
N GLY B 231 -15.33 11.71 -2.93
CA GLY B 231 -15.91 11.36 -4.20
C GLY B 231 -15.71 9.90 -4.50
N HIS B 232 -15.48 9.61 -5.78
CA HIS B 232 -15.49 8.22 -6.25
C HIS B 232 -14.40 7.41 -5.59
N PHE B 233 -13.33 8.04 -5.14
CA PHE B 233 -12.24 7.35 -4.45
C PHE B 233 -12.12 7.78 -3.01
N TYR B 234 -13.27 8.08 -2.39
CA TYR B 234 -13.30 8.36 -0.96
C TYR B 234 -12.52 7.31 -0.17
N LEU B 235 -12.55 6.06 -0.64
CA LEU B 235 -12.07 4.95 0.19
C LEU B 235 -10.57 5.02 0.47
N LEU B 236 -9.84 5.85 -0.26
CA LEU B 236 -8.42 6.01 0.04
C LEU B 236 -8.20 6.88 1.27
N GLU B 237 -9.01 7.92 1.43
CA GLU B 237 -8.91 8.77 2.61
C GLU B 237 -9.45 8.05 3.83
N HIS B 238 -10.46 7.19 3.65
CA HIS B 238 -11.11 6.50 4.75
C HIS B 238 -10.71 5.02 4.80
N ARG B 239 -9.45 4.75 4.46
CA ARG B 239 -8.95 3.38 4.46
C ARG B 239 -9.27 2.67 5.76
N ASP B 240 -9.01 3.33 6.89
CA ASP B 240 -9.07 2.65 8.17
C ASP B 240 -10.49 2.25 8.54
N ALA B 241 -11.44 3.18 8.37
CA ALA B 241 -12.83 2.87 8.65
C ALA B 241 -13.34 1.71 7.79
N ILE B 242 -12.91 1.66 6.52
CA ILE B 242 -13.35 0.58 5.66
C ILE B 242 -12.68 -0.74 6.04
N LEU B 243 -11.44 -0.68 6.52
CA LEU B 243 -10.86 -1.95 6.93
C LEU B 243 -11.50 -2.42 8.19
N GLY B 244 -11.79 -1.53 9.15
CA GLY B 244 -12.57 -1.90 10.30
C GLY B 244 -13.90 -2.54 9.95
N ILE B 245 -14.58 -2.02 8.92
CA ILE B 245 -15.85 -2.59 8.50
C ILE B 245 -15.62 -4.01 7.97
N ILE B 246 -14.64 -4.17 7.09
CA ILE B 246 -14.31 -5.49 6.56
C ILE B 246 -14.01 -6.46 7.70
N ALA B 247 -13.14 -6.05 8.62
CA ALA B 247 -12.72 -6.96 9.67
C ALA B 247 -13.90 -7.39 10.53
N GLU B 248 -14.85 -6.48 10.78
CA GLU B 248 -16.00 -6.85 11.60
C GLU B 248 -16.86 -7.90 10.91
N HIS B 249 -17.00 -7.80 9.59
CA HIS B 249 -17.80 -8.78 8.87
C HIS B 249 -17.16 -10.16 8.87
N LEU B 250 -15.84 -10.23 8.83
CA LEU B 250 -15.14 -11.52 8.74
C LEU B 250 -14.83 -12.15 10.11
N ARG B 251 -15.50 -11.72 11.17
CA ARG B 251 -15.36 -12.35 12.48
C ARG B 251 -16.72 -12.52 13.13
#